data_1DSM
#
_entry.id   1DSM
#
_cell.length_a   1.000
_cell.length_b   1.000
_cell.length_c   1.000
_cell.angle_alpha   90.00
_cell.angle_beta   90.00
_cell.angle_gamma   90.00
#
_symmetry.space_group_name_H-M   'P 1'
#
loop_
_entity.id
_entity.type
_entity.pdbx_description
1 polymer "5'-D(*GP*AP*CP*TP*AP*AP*TP*TP*GP*AP*C)-3'"
2 polymer "5'-D(*GP*TP*CP*AP*AP*TP*TP*AP*GP*TP*C)-3'"
3 non-polymer '4-HYDROXY-8-METHYL-6-(4,5,6-TRIMETHOXY-1H-INDOLE-2-CARBONYL)-3,6,7,8-TETRAHYDRO-3,6-DIAZA-AS-INDACENE-2-CARBOXYLIC ACID METHYL ESTER'
#
loop_
_entity_poly.entity_id
_entity_poly.type
_entity_poly.pdbx_seq_one_letter_code
_entity_poly.pdbx_strand_id
1 'polydeoxyribonucleotide' (DG)(DA)(DC)(DT)(DA)(DA)(DT)(DT)(DG)(DA)(DC) A
2 'polydeoxyribonucleotide' (DG)(DT)(DC)(DA)(DA)(DT)(DT)(DA)(DG)(DT)(DC) B
#
loop_
_chem_comp.id
_chem_comp.type
_chem_comp.name
_chem_comp.formula
DA DNA linking 2'-DEOXYADENOSINE-5'-MONOPHOSPHATE 'C10 H14 N5 O6 P'
DC DNA linking 2'-DEOXYCYTIDINE-5'-MONOPHOSPHATE 'C9 H14 N3 O7 P'
DG DNA linking 2'-DEOXYGUANOSINE-5'-MONOPHOSPHATE 'C10 H14 N5 O7 P'
DSA non-polymer '4-HYDROXY-8-METHYL-6-(4,5,6-TRIMETHOXY-1H-INDOLE-2-CARBONYL)-3,6,7,8-TETRAHYDRO-3,6-DIAZA-AS-INDACENE-2-CARBOXYLIC ACID METHYL ESTER' 'C25 H25 N3 O7'
DT DNA linking THYMIDINE-5'-MONOPHOSPHATE 'C10 H15 N2 O8 P'
#
# COMPACT_ATOMS: atom_id res chain seq x y z
C20 DSA C . 3.44 -0.88 -0.39
C21 DSA C . 3.87 -0.22 0.79
C22 DSA C . 5.22 -0.19 1.19
C23 DSA C . 6.17 -0.83 0.38
C24 DSA C . 5.79 -1.42 -0.84
C25 DSA C . 4.43 -1.48 -1.19
C18 DSA C . 1.61 0.10 0.57
C19 DSA C . 2.00 -0.71 -0.49
C16 DSA C . 0.32 0.70 0.95
C6 DSA C . -3.90 2.47 1.34
C7 DSA C . -2.54 2.11 1.30
C8 DSA C . -2.15 0.98 0.52
C11 DSA C . -1.07 -0.69 -0.67
C10 DSA C . -2.54 -0.88 -1.03
C13 DSA C . -2.87 -0.44 -2.47
C9 DSA C . -3.07 0.23 -0.17
C26 DSA C . 6.31 1.64 2.24
C27 DSA C . 7.80 -1.97 1.66
C5 DSA C . -4.84 1.67 0.70
C4 DSA C . -4.42 0.53 -0.05
C3 DSA C . -5.64 -0.09 -0.57
C2 DSA C . -6.71 0.69 -0.14
C14 DSA C . -8.12 0.48 -0.43
C28 DSA C . 6.53 -2.28 -2.96
C15 DSA C . -9.79 -1.02 -1.26
N17 DSA C . 2.73 0.35 1.35
N12 DSA C . -0.91 0.43 0.31
N1 DSA C . -6.22 1.73 0.62
O24 DSA C . 6.81 -1.95 -1.62
O16 DSA C . 0.30 1.49 1.89
O6 DSA C . -4.33 3.55 2.05
O22 DSA C . 5.55 0.46 2.37
O23 DSA C . 7.49 -0.90 0.79
O15 DSA C . -8.42 -0.71 -1.08
O14 DSA C . -9.00 1.27 -0.12
H25 DSA C . 4.11 -1.96 -2.10
H19 DSA C . 1.37 -1.10 -1.27
H7 DSA C . -1.82 2.70 1.83
H111 DSA C . -0.67 -1.62 -0.25
H112 DSA C . -0.54 -0.41 -1.58
H10 DSA C . -2.93 -1.85 -0.77
H131 DSA C . -2.31 0.47 -2.70
H132 DSA C . -3.93 -0.22 -2.49
H261 DSA C . 6.42 2.09 3.22
H262 DSA C . 7.31 1.42 1.85
H263 DSA C . 5.81 2.34 1.57
H271 DSA C . 8.86 -1.93 1.90
H272 DSA C . 7.22 -1.89 2.58
H273 DSA C . 7.58 -2.93 1.17
H3 DSA C . -5.75 -0.98 -1.19
H281 DSA C . 5.83 -3.12 -3.02
H282 DSA C . 6.12 -1.41 -3.49
H283 DSA C . 7.45 -2.58 -3.45
H151 DSA C . -9.87 -1.98 -1.76
H152 DSA C . -10.30 -1.09 -0.29
H153 DSA C . -10.28 -0.27 -1.88
H17 DSA C . 2.69 0.91 2.19
H1 DSA C . -6.81 2.43 1.03
H6 DSA C . -3.61 4.02 2.49
C20 DSA C . 3.37 -0.79 -0.60
C21 DSA C . 3.83 -0.17 0.60
C22 DSA C . 5.19 -0.13 0.95
C23 DSA C . 6.12 -0.71 0.07
C24 DSA C . 5.72 -1.25 -1.16
C25 DSA C . 4.34 -1.34 -1.47
C18 DSA C . 1.57 0.15 0.43
C19 DSA C . 1.93 -0.64 -0.67
C16 DSA C . 0.28 0.74 0.83
C6 DSA C . -3.91 2.55 1.27
C7 DSA C . -2.56 2.20 1.17
C8 DSA C . -2.20 1.05 0.43
C11 DSA C . -1.14 -0.66 -0.74
C10 DSA C . -2.63 -0.87 -1.04
C13 DSA C . -3.01 -0.47 -2.47
C9 DSA C . -3.13 0.26 -0.20
C26 DSA C . 6.30 1.62 2.10
C27 DSA C . 7.84 -1.87 1.23
C5 DSA C . -4.88 1.70 0.72
C4 DSA C . -4.48 0.54 -0.02
C3 DSA C . -5.71 -0.13 -0.45
C2 DSA C . -6.76 0.66 0.00
C14 DSA C . -8.18 0.42 -0.21
C28 DSA C . 6.38 -2.04 -3.34
C15 DSA C . -9.87 -1.10 -0.99
N17 DSA C . 2.70 0.37 1.20
N12 DSA C . -0.95 0.48 0.20
N1 DSA C . -6.26 1.74 0.70
O24 DSA C . 6.73 -1.69 -2.01
O16 DSA C . 0.27 1.52 1.78
O6 DSA C . -4.33 3.65 1.97
O22 DSA C . 5.54 0.43 2.16
O23 DSA C . 7.46 -0.76 0.43
O15 DSA C . -8.50 -0.79 -0.82
O14 DSA C . -9.08 1.20 0.13
H25 DSA C . 4.00 -1.79 -2.38
H19 DSA C . 1.29 -0.99 -1.44
H7 DSA C . -1.82 2.82 1.65
H111 DSA C . -0.71 -1.58 -0.33
H112 DSA C . -0.67 -0.40 -1.68
H10 DSA C . -3.00 -1.85 -0.74
H131 DSA C . -4.08 -0.28 -2.46
H132 DSA C . -2.49 0.45 -2.74
H261 DSA C . 6.41 2.03 3.10
H262 DSA C . 7.30 1.42 1.71
H263 DSA C . 5.80 2.35 1.47
H271 DSA C . 7.28 -1.86 2.16
H272 DSA C . 7.63 -2.80 0.69
H273 DSA C . 8.90 -1.81 1.44
H3 DSA C . -5.83 -1.02 -1.03
H281 DSA C . 7.29 -2.28 -3.89
H282 DSA C . 5.73 -2.91 -3.35
H283 DSA C . 5.88 -1.20 -3.84
H151 DSA C . -10.36 -0.35 -1.61
H152 DSA C . -9.95 -2.08 -1.47
H153 DSA C . -10.37 -1.16 -0.02
H17 DSA C . 2.67 0.90 2.05
H1 DSA C . -6.85 2.45 1.12
H6 DSA C . -3.61 4.14 2.35
C20 DSA C . 3.38 -0.63 -0.51
C21 DSA C . 3.82 0.03 0.68
C22 DSA C . 5.18 0.08 1.03
C23 DSA C . 6.13 -0.52 0.18
C24 DSA C . 5.73 -1.12 -1.02
C25 DSA C . 4.36 -1.20 -1.34
C18 DSA C . 1.55 0.29 0.52
C19 DSA C . 1.93 -0.51 -0.58
C16 DSA C . 0.25 0.84 0.93
C6 DSA C . -3.99 2.50 1.46
C7 DSA C . -2.63 2.17 1.36
C8 DSA C . -2.24 1.07 0.58
C11 DSA C . -1.13 -0.58 -0.65
C10 DSA C . -2.61 -0.82 -0.95
C13 DSA C . -3.01 -0.40 -2.38
C9 DSA C . -3.15 0.28 -0.07
C26 DSA C . 6.26 1.93 2.07
C27 DSA C . 7.83 -1.64 1.39
C5 DSA C . -4.93 1.64 0.88
C4 DSA C . -4.50 0.52 0.11
C3 DSA C . -5.71 -0.16 -0.35
C2 DSA C . -6.79 0.58 0.13
C14 DSA C . -8.21 0.31 -0.08
C28 DSA C . 6.43 -1.98 -3.16
C15 DSA C . -9.87 -1.22 -0.90
N17 DSA C . 2.69 0.56 1.26
N12 DSA C . -0.97 0.55 0.32
N1 DSA C . -6.31 1.65 0.86
O24 DSA C . 6.75 -1.61 -1.83
O16 DSA C . 0.24 1.62 1.88
O6 DSA C . -4.43 3.56 2.18
O22 DSA C . 5.53 0.72 2.20
O23 DSA C . 7.46 -0.55 0.55
O15 DSA C . -8.50 -0.88 -0.73
O14 DSA C . -9.11 1.06 0.29
H25 DSA C . 4.03 -1.70 -2.24
H19 DSA C . 1.29 -0.89 -1.33
H7 DSA C . -1.91 2.80 1.86
H111 DSA C . -0.69 -1.49 -0.25
H112 DSA C . -0.66 -0.29 -1.58
H10 DSA C . -2.96 -1.81 -0.67
H131 DSA C . -2.50 0.52 -2.63
H132 DSA C . -4.08 -0.23 -2.36
H261 DSA C . 6.39 2.38 3.06
H262 DSA C . 7.23 1.76 1.64
H263 DSA C . 5.69 2.63 1.44
H271 DSA C . 7.64 -2.59 0.88
H272 DSA C . 8.89 -1.57 1.60
H273 DSA C . 7.27 -1.60 2.32
H3 DSA C . -5.82 -1.05 -0.95
H281 DSA C . 5.77 -2.83 -3.17
H282 DSA C . 5.98 -1.14 -3.69
H283 DSA C . 7.35 -2.25 -3.67
H151 DSA C . -10.35 -1.32 0.07
H152 DSA C . -10.38 -0.46 -1.50
H153 DSA C . -9.93 -2.17 -1.43
H17 DSA C . 2.65 1.11 2.11
H1 DSA C . -6.92 2.33 1.31
H6 DSA C . -3.72 4.06 2.59
C20 DSA C . 3.35 -0.67 -0.44
C21 DSA C . 3.78 -0.01 0.74
C22 DSA C . 5.14 0.02 1.13
C23 DSA C . 6.09 -0.63 0.31
C24 DSA C . 5.69 -1.23 -0.89
C25 DSA C . 4.33 -1.29 -1.25
C18 DSA C . 1.53 0.31 0.52
C19 DSA C . 1.91 -0.52 -0.54
C16 DSA C . 0.23 0.90 0.90
C6 DSA C . -4.03 2.57 1.35
C7 DSA C . -2.66 2.25 1.28
C8 DSA C . -2.26 1.13 0.52
C11 DSA C . -1.14 -0.53 -0.68
C10 DSA C . -2.62 -0.75 -1.02
C13 DSA C . -2.99 -0.32 -2.45
C9 DSA C . -3.16 0.33 -0.15
C26 DSA C . 6.23 1.88 2.12
C27 DSA C . 7.73 -1.77 1.56
C5 DSA C . -4.96 1.71 0.75
C4 DSA C . -4.52 0.58 0.01
C3 DSA C . -5.71 -0.10 -0.48
C2 DSA C . -6.80 0.65 -0.05
C14 DSA C . -8.21 0.39 -0.33
C28 DSA C . 6.42 -2.09 -3.03
C15 DSA C . -9.82 -1.14 -1.24
N17 DSA C . 2.66 0.57 1.29
N12 DSA C . -1.00 0.59 0.29
N1 DSA C . -6.34 1.74 0.69
O24 DSA C . 6.72 -1.77 -1.68
O16 DSA C . 0.21 1.72 1.83
O6 DSA C . -4.48 3.64 2.06
O22 DSA C . 5.48 0.69 2.29
O23 DSA C . 7.41 -0.69 0.70
O15 DSA C . -8.46 -0.82 -0.98
O14 DSA C . -9.13 1.15 -0.05
H25 DSA C . 4.00 -1.78 -2.15
H19 DSA C . 1.28 -0.92 -1.30
H7 DSA C . -1.94 2.88 1.79
H111 DSA C . -0.72 -1.45 -0.27
H112 DSA C . -0.64 -0.26 -1.61
H10 DSA C . -2.98 -1.75 -0.76
H131 DSA C . -2.48 0.62 -2.68
H132 DSA C . -4.06 -0.15 -2.44
H261 DSA C . 6.37 2.35 3.10
H262 DSA C . 7.22 1.67 1.71
H263 DSA C . 5.70 2.57 1.47
H271 DSA C . 7.16 -1.71 2.48
H272 DSA C . 7.52 -2.72 1.07
H273 DSA C . 8.80 -1.73 1.80
H3 DSA C . -5.80 -0.99 -1.09
H281 DSA C . 6.01 -1.24 -3.55
H282 DSA C . 5.72 -2.93 -3.08
H283 DSA C . 7.34 -2.40 -3.52
H151 DSA C . -10.27 -0.39 -1.88
H152 DSA C . -9.85 -2.12 -1.74
H153 DSA C . -10.37 -1.22 -0.31
H17 DSA C . 2.61 1.15 2.11
H1 DSA C . -6.96 2.42 1.09
H6 DSA C . -3.78 4.13 2.49
C20 DSA C . 3.48 -0.65 -0.59
C21 DSA C . 3.92 -0.02 0.60
C22 DSA C . 5.28 -0.01 0.99
C23 DSA C . 6.23 -0.60 0.14
C24 DSA C . 5.83 -1.17 -1.10
C25 DSA C . 4.46 -1.22 -1.43
C18 DSA C . 1.66 0.29 0.43
C19 DSA C . 2.04 -0.49 -0.68
C16 DSA C . 0.36 0.86 0.83
C6 DSA C . -3.86 2.58 1.29
C7 DSA C . -2.51 2.24 1.20
C8 DSA C . -2.11 1.13 0.43
C11 DSA C . -1.01 -0.55 -0.76
C10 DSA C . -2.50 -0.77 -1.07
C13 DSA C . -2.88 -0.36 -2.51
C9 DSA C . -3.03 0.33 -0.21
C26 DSA C . 6.40 1.75 2.13
C27 DSA C . 7.90 -1.80 1.30
C5 DSA C . -4.81 1.71 0.71
C4 DSA C . -4.38 0.58 -0.03
C3 DSA C . -5.59 -0.11 -0.49
C2 DSA C . -6.67 0.64 -0.02
C14 DSA C . -8.08 0.35 -0.23
C28 DSA C . 6.52 -2.01 -3.25
C15 DSA C . -9.73 -1.16 -1.09
N17 DSA C . 2.80 0.52 1.19
N12 DSA C . -0.86 0.58 0.19
N1 DSA C . -6.19 1.72 0.69
O24 DSA C . 6.85 -1.65 -1.91
O16 DSA C . 0.36 1.64 1.78
O6 DSA C . -4.29 3.65 2.02
O22 DSA C . 5.61 0.57 2.19
O23 DSA C . 7.55 -0.67 0.51
O15 DSA C . -8.37 -0.83 -0.89
O14 DSA C . -8.99 1.11 0.14
H25 DSA C . 4.12 -1.69 -2.34
H19 DSA C . 1.41 -0.85 -1.45
H7 DSA C . -1.77 2.88 1.69
H111 DSA C . -0.58 -1.46 -0.35
H112 DSA C . -0.54 -0.28 -1.70
H10 DSA C . -2.86 -1.77 -0.79
H131 DSA C . -2.35 0.54 -2.76
H132 DSA C . -3.95 -0.17 -2.49
H261 DSA C . 5.91 2.49 1.50
H262 DSA C . 6.50 2.15 3.14
H263 DSA C . 7.39 1.54 1.74
H271 DSA C . 8.96 -1.76 1.54
H272 DSA C . 7.71 -2.73 0.74
H273 DSA C . 7.33 -1.82 2.22
H3 DSA C . -5.69 -1.01 -1.08
H281 DSA C . 7.44 -2.28 -3.77
H282 DSA C . 5.86 -2.87 -3.26
H283 DSA C . 6.06 -1.16 -3.77
H151 DSA C . -9.79 -2.11 -1.61
H152 DSA C . -10.24 -1.26 -0.13
H153 DSA C . -10.22 -0.40 -1.70
H17 DSA C . 2.75 1.05 2.05
H1 DSA C . -6.82 2.39 1.11
H6 DSA C . -5.24 3.72 2.08
C20 DSA C . 3.37 -0.66 -0.49
C21 DSA C . 3.82 -0.03 0.69
C22 DSA C . 5.19 0.02 1.05
C23 DSA C . 6.12 -0.59 0.20
C24 DSA C . 5.71 -1.18 -1.01
C25 DSA C . 4.34 -1.24 -1.34
C18 DSA C . 1.56 0.27 0.55
C19 DSA C . 1.93 -0.52 -0.55
C16 DSA C . 0.27 0.83 0.97
C6 DSA C . -3.96 2.52 1.52
C7 DSA C . -2.60 2.19 1.42
C8 DSA C . -2.22 1.08 0.63
C11 DSA C . -1.13 -0.56 -0.63
C10 DSA C . -2.62 -0.77 -0.93
C13 DSA C . -3.04 -0.31 -2.34
C9 DSA C . -3.15 0.30 -0.03
C26 DSA C . 6.27 1.86 2.07
C27 DSA C . 7.81 -1.76 1.38
C5 DSA C . -4.92 1.66 0.95
C4 DSA C . -4.50 0.55 0.17
C3 DSA C . -5.71 -0.13 -0.29
C2 DSA C . -6.79 0.62 0.22
C14 DSA C . -8.20 0.36 0.00
C28 DSA C . 6.40 -2.02 -3.16
C15 DSA C . -9.86 -1.10 -0.92
N17 DSA C . 2.70 0.53 1.29
N12 DSA C . -0.97 0.54 0.36
N1 DSA C . -6.30 1.67 0.95
O24 DSA C . 6.73 -1.68 -1.83
O16 DSA C . 0.26 1.60 1.93
O6 DSA C . -4.40 3.57 2.26
O22 DSA C . 5.55 0.65 2.23
O23 DSA C . 7.46 -0.66 0.57
O15 DSA C . -8.50 -0.80 -0.71
O14 DSA C . -9.10 1.10 0.40
H25 DSA C . 4.01 -1.72 -2.24
H19 DSA C . 1.28 -0.90 -1.31
H7 DSA C . -1.87 2.80 1.93
H111 DSA C . -0.67 -0.25 -1.57
H112 DSA C . -0.70 -1.48 -0.25
H10 DSA C . -2.98 -1.78 -0.68
H131 DSA C . -4.11 -0.17 -2.31
H132 DSA C . -2.54 0.63 -2.57
H261 DSA C . 7.24 1.68 1.62
H262 DSA C . 5.70 2.56 1.47
H263 DSA C . 6.43 2.29 3.06
H271 DSA C . 7.61 -2.69 0.84
H272 DSA C . 8.88 -1.71 1.60
H273 DSA C . 7.25 -1.75 2.31
H3 DSA C . -5.83 -1.00 -0.91
H281 DSA C . 7.32 -2.31 -3.68
H282 DSA C . 5.72 -2.87 -3.19
H283 DSA C . 5.96 -1.17 -3.68
H151 DSA C . -9.93 -2.03 -1.49
H152 DSA C . -10.38 -1.24 0.03
H153 DSA C . -10.35 -0.32 -1.50
H17 DSA C . 2.67 1.08 2.13
H1 DSA C . -6.89 2.34 1.41
H6 DSA C . -3.67 4.07 2.66
C20 DSA C . 3.55 -0.74 -0.45
C21 DSA C . 3.98 -0.11 0.74
C22 DSA C . 5.34 -0.10 1.14
C23 DSA C . 6.29 -0.73 0.30
C24 DSA C . 5.90 -1.29 -0.93
C25 DSA C . 4.53 -1.34 -1.27
C18 DSA C . 1.74 0.23 0.54
C19 DSA C . 2.12 -0.56 -0.56
C16 DSA C . 0.44 0.83 0.91
C6 DSA C . -3.78 2.59 1.31
C7 DSA C . -2.41 2.25 1.24
C8 DSA C . -2.03 1.11 0.49
C11 DSA C . -0.94 -0.59 -0.67
C10 DSA C . -2.42 -0.80 -1.00
C13 DSA C . -2.79 -0.40 -2.45
C9 DSA C . -2.96 0.32 -0.16
C26 DSA C . 6.42 1.71 2.22
C27 DSA C . 7.94 -1.90 1.52
C5 DSA C . -4.72 1.73 0.73
C4 DSA C . -4.30 0.58 0.00
C3 DSA C . -5.51 -0.08 -0.46
C2 DSA C . -6.59 0.68 -0.01
C14 DSA C . -8.01 0.42 -0.24
C28 DSA C . 6.60 -2.16 -3.06
C15 DSA C . -9.67 -1.07 -1.12
N17 DSA C . 2.86 0.45 1.31
N12 DSA C . -0.78 0.55 0.27
N1 DSA C . -6.10 1.77 0.70
O24 DSA C . 6.92 -1.78 -1.73
O16 DSA C . 0.42 1.61 1.86
O6 DSA C . -4.21 3.68 2.00
O22 DSA C . 5.69 0.51 2.33
O23 DSA C . 7.61 -0.80 0.70
O15 DSA C . -8.30 -0.77 -0.89
O14 DSA C . -8.91 1.18 0.12
H25 DSA C . 4.20 -1.80 -2.19
H19 DSA C . 1.48 -0.93 -1.34
H7 DSA C . -1.69 2.87 1.74
H111 DSA C . -0.53 -1.50 -0.25
H112 DSA C . -0.46 -0.33 -1.61
H10 DSA C . -2.80 -1.78 -0.71
H131 DSA C . -2.23 0.50 -2.71
H132 DSA C . -3.84 -0.19 -2.45
H261 DSA C . 7.39 1.53 1.76
H262 DSA C . 5.87 2.44 1.61
H263 DSA C . 6.56 2.12 3.21
H271 DSA C . 7.74 -2.83 1.00
H272 DSA C . 9.00 -1.85 1.76
H273 DSA C . 7.37 -1.86 2.44
H3 DSA C . -5.62 -0.99 -1.05
H281 DSA C . 6.14 -1.34 -3.60
H282 DSA C . 7.52 -2.46 -3.57
H283 DSA C . 5.93 -3.03 -3.06
H151 DSA C . -10.20 -1.15 -0.17
H152 DSA C . -10.12 -0.30 -1.74
H153 DSA C . -9.73 -2.03 -1.65
H17 DSA C . 2.82 1.00 2.16
H1 DSA C . -6.71 2.46 1.12
H6 DSA C . -3.50 4.17 2.41
C20 DSA C . 3.44 -0.80 -0.37
C21 DSA C . 3.88 -0.13 0.80
C22 DSA C . 5.24 -0.10 1.18
C23 DSA C . 6.19 -0.71 0.35
C24 DSA C . 5.79 -1.32 -0.86
C25 DSA C . 4.43 -1.39 -1.20
C18 DSA C . 1.62 0.16 0.62
C19 DSA C . 2.00 -0.65 -0.46
C16 DSA C . 0.32 0.73 1.02
C6 DSA C . -3.89 2.48 1.46
C7 DSA C . -2.54 2.13 1.41
C8 DSA C . -2.16 1.01 0.62
C11 DSA C . -1.06 -0.65 -0.59
C10 DSA C . -2.55 -0.85 -0.94
C13 DSA C . -2.89 -0.41 -2.37
C9 DSA C . -3.08 0.25 -0.07
C26 DSA C . 6.35 1.74 2.21
C27 DSA C . 7.84 -1.89 1.57
C5 DSA C . -4.85 1.66 0.84
C4 DSA C . -4.42 0.53 0.07
C3 DSA C . -5.64 -0.10 -0.43
C2 DSA C . -6.71 0.68 0.03
C14 DSA C . -8.13 0.46 -0.24
C28 DSA C . 6.52 -2.17 -2.99
C15 DSA C . -9.80 -1.02 -1.11
N17 DSA C . 2.75 0.42 1.38
N12 DSA C . -0.90 0.46 0.39
N1 DSA C . -6.22 1.72 0.78
O24 DSA C . 6.82 -1.83 -1.65
O16 DSA C . 0.30 1.50 1.97
O6 DSA C . -4.32 3.55 2.18
O22 DSA C . 5.58 0.56 2.36
O23 DSA C . 7.51 -0.79 0.74
O15 DSA C . -8.43 -0.71 -0.91
O14 DSA C . -9.01 1.23 0.11
H25 DSA C . 4.10 -1.88 -2.10
H19 DSA C . 1.36 -1.04 -1.22
H7 DSA C . -1.81 2.72 1.94
H111 DSA C . -0.65 -1.58 -0.20
H112 DSA C . -0.57 -0.37 -1.51
H10 DSA C . -2.93 -1.83 -0.67
H131 DSA C . -2.35 0.50 -2.61
H132 DSA C . -3.96 -0.21 -2.38
H261 DSA C . 7.33 1.53 1.81
H262 DSA C . 5.82 2.44 1.56
H263 DSA C . 6.46 2.20 3.20
H271 DSA C . 7.64 -2.82 1.05
H272 DSA C . 8.90 -1.84 1.81
H273 DSA C . 7.26 -1.86 2.49
H3 DSA C . -5.75 -0.97 -1.05
H281 DSA C . 7.44 -2.46 -3.50
H282 DSA C . 5.83 -3.02 -3.03
H283 DSA C . 6.08 -1.32 -3.52
H151 DSA C . -9.88 -1.97 -1.64
H152 DSA C . -10.32 -1.13 -0.15
H153 DSA C . -10.28 -0.25 -1.70
H17 DSA C . 2.70 0.98 2.22
H1 DSA C . -6.82 2.41 1.21
H6 DSA C . -3.61 4.03 2.62
C20 DSA C . 3.44 -0.83 -0.47
C21 DSA C . 3.88 -0.15 0.70
C22 DSA C . 5.25 -0.11 1.06
C23 DSA C . 6.18 -0.77 0.24
C24 DSA C . 5.78 -1.37 -0.96
C25 DSA C . 4.40 -1.43 -1.29
C18 DSA C . 1.62 0.13 0.55
C19 DSA C . 1.99 -0.68 -0.53
C16 DSA C . 0.32 0.68 0.98
C6 DSA C . -3.88 2.44 1.51
C7 DSA C . -2.52 2.09 1.41
C8 DSA C . -2.15 1.00 0.59
C11 DSA C . -1.08 -0.65 -0.66
C10 DSA C . -2.56 -0.83 -1.00
C13 DSA C . -2.91 -0.40 -2.44
C9 DSA C . -3.09 0.26 -0.12
C26 DSA C . 6.40 1.69 2.10
C27 DSA C . 7.82 -2.00 1.42
C5 DSA C . -4.83 1.66 0.84
C4 DSA C . -4.43 0.56 0.03
C3 DSA C . -5.65 -0.04 -0.50
C2 DSA C . -6.71 0.71 0.01
C14 DSA C . -8.14 0.50 -0.23
C28 DSA C . 6.47 -2.26 -3.10
C15 DSA C . -9.83 -0.93 -1.16
N17 DSA C . 2.77 0.42 1.27
N12 DSA C . -0.90 0.44 0.33
N1 DSA C . -6.21 1.73 0.80
O24 DSA C . 6.79 -1.91 -1.75
O16 DSA C . 0.31 1.41 1.96
O6 DSA C . -4.30 3.48 2.28
O22 DSA C . 5.60 0.53 2.23
O23 DSA C . 7.51 -0.85 0.64
O15 DSA C . -8.45 -0.63 -0.96
O14 DSA C . -9.03 1.25 0.19
H25 DSA C . 4.07 -1.93 -2.19
H19 DSA C . 1.33 -1.08 -1.27
H7 DSA C . -1.79 2.66 1.94
H111 DSA C . -0.67 -1.59 -0.27
H112 DSA C . -0.57 -0.36 -1.58
H10 DSA C . -2.95 -1.82 -0.74
H131 DSA C . -3.97 -0.17 -2.45
H132 DSA C . -2.36 0.51 -2.68
H261 DSA C . 5.91 2.41 1.43
H262 DSA C . 6.52 2.15 3.08
H263 DSA C . 7.38 1.44 1.71
H271 DSA C . 7.62 -2.91 0.85
H272 DSA C . 8.87 -1.96 1.68
H273 DSA C . 7.23 -1.99 2.33
H3 DSA C . -5.79 -0.90 -1.14
H281 DSA C . 6.05 -1.41 -3.62
H282 DSA C . 5.78 -3.10 -3.11
H283 DSA C . 7.39 -2.55 -3.60
H151 DSA C . -10.32 -1.07 -0.20
H152 DSA C . -10.31 -0.12 -1.70
H153 DSA C . -9.92 -1.84 -1.74
H17 DSA C . 2.73 0.99 2.11
H1 DSA C . -6.80 2.40 1.26
H6 DSA C . -3.58 3.93 2.73
C20 DSA C . 3.37 -0.91 -0.36
C21 DSA C . 3.79 -0.24 0.82
C22 DSA C . 5.14 -0.18 1.20
C23 DSA C . 6.10 -0.80 0.37
C24 DSA C . 5.72 -1.40 -0.84
C25 DSA C . 4.35 -1.48 -1.19
C18 DSA C . 1.52 0.04 0.63
C19 DSA C . 1.92 -0.78 -0.45
C16 DSA C . 0.22 0.60 1.00
C6 DSA C . -4.01 2.33 1.41
C7 DSA C . -2.66 1.97 1.37
C8 DSA C . -2.26 0.86 0.59
C11 DSA C . -1.14 -0.80 -0.61
C10 DSA C . -2.62 -0.99 -0.97
C13 DSA C . -2.95 -0.56 -2.42
C9 DSA C . -3.17 0.11 -0.12
C26 DSA C . 6.22 1.67 2.23
C27 DSA C . 7.77 -1.96 1.60
C5 DSA C . -4.94 1.52 0.75
C4 DSA C . -4.52 0.38 0.00
C3 DSA C . -5.72 -0.24 -0.53
C2 DSA C . -6.80 0.56 -0.13
C14 DSA C . -8.21 0.35 -0.45
C28 DSA C . 6.46 -2.24 -2.97
C15 DSA C . -9.88 -1.18 -1.21
N17 DSA C . 2.65 0.31 1.37
N12 DSA C . -1.00 0.32 0.37
N1 DSA C . -6.32 1.61 0.64
O24 DSA C . 6.75 -1.91 -1.62
O16 DSA C . 0.20 1.39 1.95
O6 DSA C . -4.46 3.40 2.12
O22 DSA C . 5.47 0.48 2.37
O23 DSA C . 7.43 -0.86 0.78
O15 DSA C . -8.51 -0.87 -1.05
O14 DSA C . -9.09 1.17 -0.21
H25 DSA C . 4.03 -1.97 -2.09
H19 DSA C . 1.29 -1.17 -1.22
H7 DSA C . -1.94 2.57 1.92
H111 DSA C . -0.73 -1.72 -0.21
H112 DSA C . -0.63 -0.50 -1.52
H10 DSA C . -3.00 -1.98 -0.73
H131 DSA C . -2.39 0.36 -2.65
H132 DSA C . -4.01 -0.34 -2.44
H261 DSA C . 6.33 2.14 3.20
H262 DSA C . 7.21 1.47 1.82
H263 DSA C . 5.69 2.37 1.56
H271 DSA C . 8.83 -1.90 1.85
H272 DSA C . 7.57 -2.90 1.08
H273 DSA C . 7.18 -1.93 2.52
H3 DSA C . -5.82 -1.12 -1.15
H281 DSA C . 6.03 -1.38 -3.49
H282 DSA C . 7.39 -2.52 -3.47
H283 DSA C . 5.78 -3.08 -3.03
H151 DSA C . -9.95 -2.18 -1.66
H152 DSA C . -10.39 -1.20 -0.25
H153 DSA C . -10.36 -0.47 -1.88
H17 DSA C . 2.60 0.87 2.22
H1 DSA C . -6.92 2.30 1.04
H6 DSA C . -3.75 3.88 2.57
C20 DSA C . 3.52 -0.55 -0.37
C21 DSA C . 3.94 0.11 0.80
C22 DSA C . 5.30 0.19 1.17
C23 DSA C . 6.26 -0.42 0.35
C24 DSA C . 5.87 -1.04 -0.86
C25 DSA C . 4.51 -1.14 -1.19
C18 DSA C . 1.67 0.35 0.63
C19 DSA C . 2.07 -0.45 -0.45
C16 DSA C . 0.36 0.89 1.03
C6 DSA C . -3.93 2.46 1.53
C7 DSA C . -2.56 2.16 1.44
C8 DSA C . -2.13 1.08 0.65
C11 DSA C . -0.99 -0.54 -0.57
C10 DSA C . -2.46 -0.79 -0.91
C13 DSA C . -2.83 -0.38 -2.34
C9 DSA C . -3.03 0.28 -0.04
C26 DSA C . 6.34 2.09 2.16
C27 DSA C . 7.96 -1.46 1.61
C5 DSA C . -4.85 1.61 0.89
C4 DSA C . -4.38 0.50 0.11
C3 DSA C . -5.56 -0.19 -0.39
C2 DSA C . -6.67 0.53 0.07
C14 DSA C . -8.07 0.24 -0.20
C28 DSA C . 6.60 -1.92 -2.99
C15 DSA C . -9.68 -1.33 -1.06
N17 DSA C . 2.80 0.65 1.38
N12 DSA C . -0.86 0.57 0.41
N1 DSA C . -6.23 1.60 0.82
O24 DSA C . 6.90 -1.54 -1.65
O16 DSA C . 0.33 1.67 1.97
O6 DSA C . -4.39 3.50 2.28
O22 DSA C . 5.64 0.86 2.33
O23 DSA C . 7.60 -0.43 0.72
O15 DSA C . -8.32 -0.97 -0.86
O14 DSA C . -9.00 0.97 0.13
H25 DSA C . 4.18 -1.65 -2.09
H19 DSA C . 1.44 -0.86 -1.21
H7 DSA C . -1.85 2.79 1.97
H111 DSA C . -0.54 -1.45 -0.16
H112 DSA C . -0.49 -0.24 -1.49
H10 DSA C . -2.80 -1.79 -0.64
H131 DSA C . -2.30 0.54 -2.59
H132 DSA C . -3.89 -0.19 -2.35
H261 DSA C . 6.46 2.55 3.13
H262 DSA C . 7.31 1.91 1.73
H263 DSA C . 5.75 2.75 1.52
H271 DSA C . 7.41 -1.38 2.54
H272 DSA C . 7.77 -2.44 1.16
H273 DSA C . 9.03 -1.38 1.83
H3 DSA C . -5.63 -1.08 -1.01
H281 DSA C . 6.14 -1.09 -3.52
H282 DSA C . 7.53 -2.20 -3.49
H283 DSA C . 5.94 -2.78 -2.99
H151 DSA C . -9.71 -2.29 -1.57
H152 DSA C . -10.18 -1.43 -0.10
H153 DSA C . -10.18 -0.59 -1.67
H17 DSA C . 2.75 1.20 2.22
H1 DSA C . -6.88 2.25 1.24
H6 DSA C . -5.35 3.55 2.33
C20 DSA C . 3.37 -0.73 -0.46
C21 DSA C . 3.81 -0.08 0.72
C22 DSA C . 5.16 -0.08 1.12
C23 DSA C . 6.11 -0.74 0.31
C24 DSA C . 5.71 -1.34 -0.90
C25 DSA C . 4.34 -1.36 -1.26
C18 DSA C . 1.56 0.30 0.49
C19 DSA C . 1.93 -0.54 -0.57
C16 DSA C . 0.27 0.91 0.87
C6 DSA C . -3.92 2.71 1.30
C7 DSA C . -2.56 2.35 1.21
C8 DSA C . -2.20 1.21 0.47
C11 DSA C . -1.12 -0.50 -0.71
C10 DSA C . -2.61 -0.69 -1.01
C13 DSA C . -3.00 -0.27 -2.44
C9 DSA C . -3.13 0.42 -0.16
C26 DSA C . 6.29 1.76 2.11
C27 DSA C . 7.71 -1.89 1.60
C5 DSA C . -4.89 1.84 0.76
C4 DSA C . -4.47 0.69 0.03
C3 DSA C . -5.68 0.01 -0.41
C2 DSA C . -6.76 0.77 0.05
C14 DSA C . -8.18 0.52 -0.16
C28 DSA C . 6.44 -2.20 -3.03
C15 DSA C . -9.84 -0.93 -1.09
N17 DSA C . 2.69 0.53 1.27
N12 DSA C . -0.95 0.64 0.24
N1 DSA C . -6.27 1.86 0.75
O24 DSA C . 6.73 -1.89 -1.68
O16 DSA C . 0.28 1.73 1.80
O6 DSA C . -4.33 3.80 2.02
O22 DSA C . 5.52 0.59 2.28
O23 DSA C . 7.43 -0.83 0.72
O15 DSA C . -8.48 -0.65 -0.85
O14 DSA C . -9.08 1.27 0.21
H25 DSA C . 4.02 -1.84 -2.17
H19 DSA C . 1.30 -0.91 -1.35
H7 DSA C . -1.82 2.98 1.70
H111 DSA C . -0.71 -1.41 -0.28
H112 DSA C . -0.64 -0.23 -1.65
H10 DSA C . -2.98 -1.68 -0.74
H131 DSA C . -4.07 -0.10 -2.43
H132 DSA C . -2.49 0.67 -2.68
H261 DSA C . 6.42 2.24 3.08
H262 DSA C . 7.28 1.53 1.71
H263 DSA C . 5.78 2.46 1.45
H271 DSA C . 8.77 -1.87 1.84
H272 DSA C . 7.48 -2.85 1.13
H273 DSA C . 7.14 -1.79 2.51
H3 DSA C . -5.81 -0.89 -0.99
H281 DSA C . 7.36 -2.54 -3.51
H282 DSA C . 5.71 -3.02 -3.09
H283 DSA C . 6.06 -1.34 -3.55
H151 DSA C . -9.91 -1.87 -1.65
H152 DSA C . -10.39 -1.04 -0.16
H153 DSA C . -10.29 -0.14 -1.70
H17 DSA C . 2.66 1.10 2.09
H1 DSA C . -6.88 2.54 1.17
H6 DSA C . -5.28 3.88 2.09
C20 DSA C . 3.47 -0.78 -0.36
C21 DSA C . 3.91 -0.14 0.83
C22 DSA C . 5.26 -0.11 1.22
C23 DSA C . 6.22 -0.75 0.39
C24 DSA C . 5.82 -1.34 -0.83
C25 DSA C . 4.45 -1.38 -1.18
C18 DSA C . 1.65 0.20 0.63
C19 DSA C . 2.03 -0.62 -0.45
C16 DSA C . 0.35 0.78 1.01
C6 DSA C . -3.85 2.54 1.47
C7 DSA C . -2.50 2.19 1.39
C8 DSA C . -2.11 1.06 0.62
C11 DSA C . -1.03 -0.60 -0.59
C10 DSA C . -2.52 -0.81 -0.92
C13 DSA C . -2.90 -0.34 -2.34
C9 DSA C . -3.04 0.28 -0.04
C26 DSA C . 6.36 1.72 2.23
C27 DSA C . 7.84 -1.89 1.67
C5 DSA C . -4.80 1.69 0.89
C4 DSA C . -4.39 0.55 0.13
C3 DSA C . -5.61 -0.11 -0.33
C2 DSA C . -6.68 0.66 0.13
C14 DSA C . -8.09 0.41 -0.10
C28 DSA C . 6.55 -2.17 -2.97
C15 DSA C . -9.76 -1.06 -1.02
N17 DSA C . 2.78 0.44 1.39
N12 DSA C . -0.87 0.51 0.38
N1 DSA C . -6.19 1.71 0.87
O24 DSA C . 6.84 -1.84 -1.61
O16 DSA C . 0.35 1.56 1.96
O6 DSA C . -4.29 3.61 2.19
O22 DSA C . 5.60 0.55 2.38
O23 DSA C . 7.53 -0.83 0.79
O15 DSA C . -8.40 -0.76 -0.79
O14 DSA C . -9.00 1.16 0.27
H25 DSA C . 4.13 -1.86 -2.09
H19 DSA C . 1.39 -0.99 -1.22
H7 DSA C . -1.77 2.80 1.90
H111 DSA C . -0.62 -1.53 -0.19
H112 DSA C . -0.54 -0.32 -1.52
H10 DSA C . -2.89 -1.79 -0.66
H131 DSA C . -2.39 0.58 -2.56
H132 DSA C . -3.97 -0.18 -2.33
H261 DSA C . 7.34 1.51 1.82
H262 DSA C . 5.83 2.42 1.58
H263 DSA C . 6.49 2.20 3.21
H271 DSA C . 7.28 -1.81 2.59
H272 DSA C . 7.62 -2.85 1.18
H273 DSA C . 8.90 -1.86 1.90
H3 DSA C . -5.72 -0.99 -0.94
H281 DSA C . 7.47 -2.46 -3.46
H282 DSA C . 5.85 -3.00 -3.02
H283 DSA C . 6.14 -1.29 -3.47
H151 DSA C . -10.29 -1.16 -0.08
H152 DSA C . -10.22 -0.26 -1.61
H153 DSA C . -9.83 -1.99 -1.57
H17 DSA C . 2.74 0.99 2.24
H1 DSA C . -6.78 2.40 1.30
H6 DSA C . -3.56 4.09 2.60
C20 DSA C . 3.39 -0.64 -0.42
C21 DSA C . 3.83 0.03 0.75
C22 DSA C . 5.19 0.09 1.12
C23 DSA C . 6.13 -0.53 0.29
C24 DSA C . 5.75 -1.15 -0.91
C25 DSA C . 4.37 -1.23 -1.25
C18 DSA C . 1.56 0.30 0.58
C19 DSA C . 1.95 -0.50 -0.50
C16 DSA C . 0.26 0.86 0.99
C6 DSA C . -3.99 2.51 1.49
C7 DSA C . -2.63 2.18 1.41
C8 DSA C . -2.23 1.08 0.62
C11 DSA C . -1.11 -0.56 -0.60
C10 DSA C . -2.59 -0.79 -0.92
C13 DSA C . -2.97 -0.36 -2.36
C9 DSA C . -3.14 0.30 -0.05
C26 DSA C . 6.24 1.97 2.10
C27 DSA C . 7.83 -1.61 1.54
C5 DSA C . -4.93 1.66 0.89
C4 DSA C . -4.49 0.54 0.12
C3 DSA C . -5.70 -0.13 -0.36
C2 DSA C . -6.78 0.61 0.12
C14 DSA C . -8.20 0.35 -0.11
C28 DSA C . 6.46 -2.01 -3.04
C15 DSA C . -9.85 -1.16 -0.98
N17 DSA C . 2.69 0.58 1.33
N12 DSA C . -0.96 0.55 0.38
N1 DSA C . -6.31 1.68 0.86
O24 DSA C . 6.76 -1.66 -1.70
O16 DSA C . 0.24 1.65 1.93
O6 DSA C . -4.44 3.56 2.23
O22 DSA C . 5.53 0.77 2.28
O23 DSA C . 7.47 -0.56 0.66
O15 DSA C . -8.49 -0.82 -0.80
O14 DSA C . -9.11 1.09 0.27
H25 DSA C . 4.04 -1.73 -2.15
H19 DSA C . 1.31 -0.91 -1.26
H7 DSA C . -1.91 2.80 1.93
H111 DSA C . -0.68 -1.48 -0.20
H112 DSA C . -0.63 -0.26 -1.54
H10 DSA C . -2.95 -1.78 -0.67
H131 DSA C . -4.03 -0.16 -2.35
H132 DSA C . -2.44 0.57 -2.60
H261 DSA C . 6.39 2.44 3.07
H262 DSA C . 7.22 1.78 1.66
H263 DSA C . 5.68 2.65 1.46
H271 DSA C . 8.89 -1.55 1.76
H272 DSA C . 7.26 -1.54 2.47
H273 DSA C . 7.62 -2.59 1.07
H3 DSA C . -5.80 -1.00 -0.98
H281 DSA C . 7.38 -2.30 -3.55
H282 DSA C . 6.03 -1.17 -3.57
H283 DSA C . 5.78 -2.86 -3.07
H151 DSA C . -10.34 -1.28 -0.02
H152 DSA C . -10.36 -0.39 -1.55
H153 DSA C . -9.91 -2.11 -1.52
H17 DSA C . 2.65 1.14 2.16
H1 DSA C . -6.92 2.34 1.31
H6 DSA C . -3.73 4.05 2.65
C20 DSA C . 3.38 -0.72 -0.40
C21 DSA C . 3.82 -0.05 0.77
C22 DSA C . 5.19 -0.04 1.15
C23 DSA C . 6.12 -0.70 0.33
C24 DSA C . 5.71 -1.31 -0.87
C25 DSA C . 4.35 -1.35 -1.22
C18 DSA C . 1.57 0.29 0.57
C19 DSA C . 1.93 -0.53 -0.50
C16 DSA C . 0.28 0.89 0.96
C6 DSA C . -3.92 2.67 1.43
C7 DSA C . -2.56 2.32 1.34
C8 DSA C . -2.19 1.18 0.58
C11 DSA C . -1.12 -0.49 -0.63
C10 DSA C . -2.61 -0.69 -0.94
C13 DSA C . -3.00 -0.25 -2.37
C9 DSA C . -3.13 0.41 -0.08
C26 DSA C . 6.31 1.80 2.13
C27 DSA C . 7.75 -1.85 1.61
C5 DSA C . -4.88 1.81 0.88
C4 DSA C . -4.47 0.67 0.11
C3 DSA C . -5.69 0.01 -0.34
C2 DSA C . -6.76 0.75 0.16
C14 DSA C . -8.18 0.49 -0.04
C28 DSA C . 6.43 -2.19 -2.99
C15 DSA C . -9.84 -0.94 -1.00
N17 DSA C . 2.70 0.54 1.32
N12 DSA C . -0.94 0.63 0.33
N1 DSA C . -6.26 1.82 0.88
O24 DSA C . 6.73 -1.86 -1.65
O16 DSA C . 0.28 1.68 1.90
O6 DSA C . -4.33 3.74 2.17
O22 DSA C . 5.54 0.63 2.30
O23 DSA C . 7.45 -0.78 0.73
O15 DSA C . -8.48 -0.65 -0.76
O14 DSA C . -9.08 1.23 0.37
H25 DSA C . 4.01 -1.84 -2.11
H19 DSA C . 1.29 -0.92 -1.26
H7 DSA C . -1.83 2.93 1.84
H111 DSA C . -0.71 -1.42 -0.22
H112 DSA C . -0.64 -0.22 -1.56
H10 DSA C . -2.98 -1.68 -0.68
H131 DSA C . -4.07 -0.09 -2.35
H132 DSA C . -2.49 0.69 -2.60
H261 DSA C . 6.44 2.28 3.10
H262 DSA C . 5.79 2.50 1.47
H263 DSA C . 7.29 1.57 1.71
H271 DSA C . 8.81 -1.83 1.84
H272 DSA C . 7.17 -1.75 2.53
H273 DSA C . 7.51 -2.81 1.13
H3 DSA C . -5.81 -0.87 -0.95
H281 DSA C . 6.03 -1.32 -3.52
H282 DSA C . 7.35 -2.51 -3.49
H283 DSA C . 5.71 -3.01 -3.04
H151 DSA C . -10.37 -1.09 -0.05
H152 DSA C . -10.31 -0.14 -1.56
H153 DSA C . -9.92 -1.86 -1.58
H17 DSA C . 2.67 1.11 2.15
H1 DSA C . -6.88 2.49 1.32
H6 DSA C . -5.27 3.83 2.23
C20 DSA C . 3.49 -0.79 -0.49
C21 DSA C . 3.93 -0.17 0.71
C22 DSA C . 5.29 -0.15 1.08
C23 DSA C . 6.23 -0.76 0.24
C24 DSA C . 5.83 -1.33 -0.98
C25 DSA C . 4.46 -1.37 -1.32
C18 DSA C . 1.68 0.16 0.53
C19 DSA C . 2.04 -0.63 -0.56
C16 DSA C . 0.38 0.75 0.93
C6 DSA C . -3.82 2.53 1.39
C7 DSA C . -2.46 2.18 1.31
C8 DSA C . -2.09 1.04 0.54
C11 DSA C . -1.02 -0.62 -0.68
C10 DSA C . -2.51 -0.83 -0.99
C13 DSA C . -2.90 -0.38 -2.41
C9 DSA C . -3.03 0.27 -0.12
C26 DSA C . 6.38 1.66 2.16
C27 DSA C . 7.89 -1.90 1.48
C5 DSA C . -4.78 1.69 0.81
C4 DSA C . -4.37 0.54 0.06
C3 DSA C . -5.59 -0.11 -0.41
C2 DSA C . -6.65 0.66 0.03
C14 DSA C . -8.07 0.43 -0.23
C28 DSA C . 6.53 -2.14 -3.14
C15 DSA C . -9.74 -1.04 -1.14
N17 DSA C . 2.81 0.40 1.29
N12 DSA C . -0.85 0.49 0.30
N1 DSA C . -6.17 1.72 0.77
O24 DSA C . 6.85 -1.82 -1.79
O16 DSA C . 0.37 1.52 1.89
O6 DSA C . -4.23 3.60 2.12
O22 DSA C . 5.64 0.47 2.28
O23 DSA C . 7.56 -0.82 0.61
O15 DSA C . -8.37 -0.75 -0.90
O14 DSA C . -8.97 1.21 0.10
H25 DSA C . 4.13 -1.84 -2.24
H19 DSA C . 1.39 -0.99 -1.34
H7 DSA C . -1.73 2.78 1.81
H111 DSA C . -0.60 -1.55 -0.28
H112 DSA C . -0.54 -0.34 -1.61
H10 DSA C . -2.87 -1.82 -0.72
H131 DSA C . -3.97 -0.22 -2.39
H132 DSA C . -2.39 0.54 -2.66
H261 DSA C . 7.38 1.46 1.73
H262 DSA C . 5.86 2.38 1.52
H263 DSA C . 6.51 2.09 3.15
H271 DSA C . 7.34 -1.81 2.41
H272 DSA C . 7.67 -2.85 1.00
H273 DSA C . 8.96 -1.86 1.69
H3 DSA C . -5.70 -1.00 -1.02
H281 DSA C . 7.45 -2.42 -3.65
H282 DSA C . 6.10 -1.27 -3.64
H283 DSA C . 5.83 -2.98 -3.19
H151 DSA C . -9.81 -1.99 -1.66
H152 DSA C . -10.28 -1.13 -0.19
H153 DSA C . -10.19 -0.26 -1.75
H17 DSA C . 2.77 0.94 2.14
H1 DSA C . -6.78 2.41 1.18
H6 DSA C . -5.18 3.68 2.20
C20 DSA C . 3.49 -0.79 -0.57
C21 DSA C . 3.96 -0.16 0.62
C22 DSA C . 5.33 -0.16 0.98
C23 DSA C . 6.25 -0.79 0.13
C24 DSA C . 5.83 -1.37 -1.08
C25 DSA C . 4.45 -1.40 -1.41
C18 DSA C . 1.71 0.19 0.45
C19 DSA C . 2.06 -0.61 -0.64
C16 DSA C . 0.43 0.80 0.88
C6 DSA C . -3.74 2.64 1.36
C7 DSA C . -2.40 2.27 1.26
C8 DSA C . -2.05 1.13 0.50
C11 DSA C . -1.00 -0.57 -0.69
C10 DSA C . -2.50 -0.78 -0.96
C13 DSA C . -2.92 -0.41 -2.41
C9 DSA C . -2.99 0.35 -0.12
C26 DSA C . 6.50 1.59 2.07
C27 DSA C . 7.90 -1.99 1.32
C5 DSA C . -4.73 1.78 0.82
C4 DSA C . -4.33 0.63 0.08
C3 DSA C . -5.56 -0.05 -0.33
C2 DSA C . -6.62 0.73 0.17
C14 DSA C . -8.05 0.47 0.00
C28 DSA C . 6.50 -2.22 -3.23
C15 DSA C . -9.76 -0.98 -0.85
N17 DSA C . 2.85 0.42 1.21
N12 DSA C . -0.81 0.56 0.25
N1 DSA C . -6.10 1.82 0.84
O24 DSA C . 6.83 -1.90 -1.90
O16 DSA C . 0.44 1.58 1.83
O6 DSA C . -4.14 3.73 2.08
O22 DSA C . 5.69 0.43 2.17
O23 DSA C . 7.58 -0.89 0.49
O15 DSA C . -8.39 -0.72 -0.63
O14 DSA C . -8.93 1.24 0.40
H25 DSA C . 4.10 -1.88 -2.31
H19 DSA C . 1.40 -0.96 -1.41
H7 DSA C . -1.65 2.89 1.74
H111 DSA C . -0.58 -1.50 -0.28
H112 DSA C . -0.54 -0.31 -1.65
H10 DSA C . -2.87 -1.74 -0.64
H131 DSA C . -2.38 0.49 -2.69
H132 DSA C . -3.98 -0.21 -2.37
H261 DSA C . 6.04 2.33 1.43
H262 DSA C . 6.62 2.02 3.07
H263 DSA C . 7.49 1.34 1.70
H271 DSA C . 7.67 -2.92 0.82
H272 DSA C . 7.35 -1.93 2.26
H273 DSA C . 8.97 -1.96 1.55
H3 DSA C . -5.70 -0.96 -0.89
H281 DSA C . 6.09 -1.35 -3.75
H282 DSA C . 7.41 -2.53 -3.75
H283 DSA C . 5.79 -3.05 -3.27
H151 DSA C . -9.86 -1.95 -1.34
H152 DSA C . -10.31 -1.01 0.10
H153 DSA C . -10.19 -0.20 -1.49
H17 DSA C . 2.83 0.95 2.06
H1 DSA C . -6.71 2.50 1.28
H6 DSA C . -5.08 3.83 2.15
C20 DSA C . 3.34 -0.67 -0.54
C21 DSA C . 3.77 -0.01 0.63
C22 DSA C . 5.14 0.03 1.00
C23 DSA C . 6.08 -0.61 0.17
C24 DSA C . 5.68 -1.22 -1.03
C25 DSA C . 4.30 -1.27 -1.37
C18 DSA C . 1.52 0.31 0.46
C19 DSA C . 1.89 -0.52 -0.62
C16 DSA C . 0.23 0.90 0.84
C6 DSA C . -4.00 2.60 1.34
C7 DSA C . -2.64 2.28 1.24
C8 DSA C . -2.26 1.14 0.48
C11 DSA C . -1.17 -0.53 -0.72
C10 DSA C . -2.66 -0.75 -1.01
C13 DSA C . -3.07 -0.31 -2.44
C9 DSA C . -3.19 0.34 -0.15
C26 DSA C . 6.22 1.89 1.98
C27 DSA C . 7.75 -1.73 1.41
C5 DSA C . -4.96 1.72 0.79
C4 DSA C . -4.54 0.58 0.05
C3 DSA C . -5.74 -0.11 -0.39
C2 DSA C . -6.82 0.64 0.09
C14 DSA C . -8.24 0.36 -0.13
C28 DSA C . 6.37 -2.08 -3.17
C15 DSA C . -9.87 -1.16 -0.99
N17 DSA C . 2.65 0.57 1.20
N12 DSA C . -1.00 0.60 0.23
N1 DSA C . -6.33 1.73 0.78
O24 DSA C . 6.68 -1.73 -1.83
O16 DSA C . 0.22 1.70 1.77
O6 DSA C . -4.44 3.68 2.05
O22 DSA C . 5.49 0.70 2.16
O23 DSA C . 7.41 -0.66 0.54
O15 DSA C . -8.51 -0.83 -0.78
O14 DSA C . -9.14 1.11 0.23
H25 DSA C . 3.97 -1.76 -2.26
H19 DSA C . 1.25 -0.90 -1.38
H7 DSA C . -1.92 2.91 1.72
H111 DSA C . -0.74 -1.44 -0.31
H112 DSA C . -0.70 -0.26 -1.66
H10 DSA C . -3.01 -1.75 -0.75
H131 DSA C . -4.13 -0.17 -2.42
H132 DSA C . -2.57 0.62 -2.67
H261 DSA C . 7.19 1.70 1.53
H262 DSA C . 5.65 2.59 1.35
H263 DSA C . 6.37 2.36 2.96
H271 DSA C . 7.19 -1.65 2.35
H272 DSA C . 7.53 -2.68 0.93
H273 DSA C . 8.82 -1.67 1.63
H3 DSA C . -5.85 -1.01 -0.99
H281 DSA C . 5.67 -2.92 -3.20
H282 DSA C . 5.94 -1.23 -3.69
H283 DSA C . 7.28 -2.38 -3.68
H151 DSA C . -9.93 -2.11 -1.52
H152 DSA C . -10.40 -1.25 -0.04
H153 DSA C . -10.36 -0.40 -1.60
H17 DSA C . 2.62 1.13 2.04
H1 DSA C . -6.94 2.42 1.22
H6 DSA C . -3.73 4.18 2.43
C20 DSA C . 3.39 -0.71 -0.28
C21 DSA C . 3.82 -0.08 0.91
C22 DSA C . 5.18 -0.05 1.31
C23 DSA C . 6.12 -0.69 0.49
C24 DSA C . 5.74 -1.28 -0.73
C25 DSA C . 4.38 -1.32 -1.10
C18 DSA C . 1.57 0.26 0.70
C19 DSA C . 1.95 -0.55 -0.39
C16 DSA C . 0.27 0.84 1.08
C6 DSA C . -3.94 2.60 1.53
C7 DSA C . -2.59 2.25 1.44
C8 DSA C . -2.20 1.12 0.67
C11 DSA C . -1.10 -0.52 -0.55
C10 DSA C . -2.59 -0.73 -0.88
C13 DSA C . -2.98 -0.26 -2.31
C9 DSA C . -3.13 0.36 0.00
C26 DSA C . 6.27 1.79 2.32
C27 DSA C . 7.75 -1.87 1.74
C5 DSA C . -4.89 1.75 0.94
C4 DSA C . -4.47 0.61 0.17
C3 DSA C . -5.68 -0.04 -0.31
C2 DSA C . -6.76 0.70 0.17
C14 DSA C . -8.18 0.45 -0.06
C28 DSA C . 6.49 -2.13 -2.87
C15 DSA C . -9.83 -0.98 -1.05
N17 DSA C . 2.69 0.49 1.47
N12 DSA C . -0.95 0.57 0.44
N1 DSA C . -6.28 1.76 0.92
O24 DSA C . 6.77 -1.79 -1.52
O16 DSA C . 0.25 1.61 2.04
O6 DSA C . -4.36 3.66 2.28
O22 DSA C . 5.51 0.60 2.47
O23 DSA C . 7.44 -0.77 0.89
O15 DSA C . -8.47 -0.69 -0.80
O14 DSA C . -9.07 1.20 0.33
H25 DSA C . 4.06 -1.79 -2.01
H19 DSA C . 1.32 -0.91 -1.17
H7 DSA C . -1.86 2.86 1.96
H111 DSA C . -0.69 -1.45 -0.16
H112 DSA C . -0.61 -0.22 -1.47
H10 DSA C . -2.96 -1.72 -0.64
H131 DSA C . -2.47 0.67 -2.52
H132 DSA C . -4.05 -0.12 -2.29
H261 DSA C . 5.73 2.48 1.68
H262 DSA C . 6.40 2.25 3.30
H263 DSA C . 7.24 1.58 1.90
H271 DSA C . 8.81 -1.84 1.98
H272 DSA C . 7.17 -1.81 2.66
H273 DSA C . 7.54 -2.81 1.23
H3 DSA C . -5.79 -0.92 -0.93
H281 DSA C . 5.79 -2.96 -2.92
H282 DSA C . 6.08 -1.26 -3.39
H283 DSA C . 7.42 -2.42 -3.35
H151 DSA C . -9.89 -1.90 -1.63
H152 DSA C . -10.36 -1.14 -0.10
H153 DSA C . -10.30 -0.17 -1.61
H17 DSA C . 2.64 1.05 2.31
H1 DSA C . -6.90 2.42 1.36
H6 DSA C . -5.32 3.73 2.33
C20 DSA C . 3.37 -0.77 -0.36
C21 DSA C . 3.82 -0.14 0.83
C22 DSA C . 5.18 -0.12 1.21
C23 DSA C . 6.12 -0.75 0.39
C24 DSA C . 5.72 -1.33 -0.83
C25 DSA C . 4.35 -1.38 -1.18
C18 DSA C . 1.56 0.21 0.63
C19 DSA C . 1.94 -0.61 -0.46
C16 DSA C . 0.28 0.80 1.02
C6 DSA C . -3.93 2.57 1.47
C7 DSA C . -2.58 2.22 1.39
C8 DSA C . -2.20 1.09 0.62
C11 DSA C . -1.12 -0.57 -0.59
C10 DSA C . -2.61 -0.77 -0.90
C13 DSA C . -3.00 -0.31 -2.32
C9 DSA C . -3.13 0.32 -0.03
C26 DSA C . 6.28 1.74 2.21
C27 DSA C . 7.76 -1.88 1.66
C5 DSA C . -4.89 1.72 0.90
C4 DSA C . -4.48 0.59 0.15
C3 DSA C . -5.69 -0.08 -0.32
C2 DSA C . -6.76 0.69 0.15
C14 DSA C . -8.18 0.44 -0.08
C28 DSA C . 6.45 -2.18 -2.97
C15 DSA C . -9.84 -1.00 -1.04
N17 DSA C . 2.69 0.44 1.39
N12 DSA C . -0.95 0.54 0.39
N1 DSA C . -6.28 1.75 0.88
O24 DSA C . 6.74 -1.86 -1.62
O16 DSA C . 0.27 1.57 1.98
O6 DSA C . -4.34 3.65 2.21
O22 DSA C . 5.53 0.54 2.38
O23 DSA C . 7.45 -0.82 0.78
O15 DSA C . -8.48 -0.72 -0.78
O14 DSA C . -9.08 1.21 0.29
H25 DSA C . 4.03 -1.86 -2.09
H19 DSA C . 1.30 -0.97 -1.23
H7 DSA C . -1.84 2.84 1.89
H111 DSA C . -0.72 -1.50 -0.19
H112 DSA C . -0.63 -0.29 -1.52
H10 DSA C . -2.98 -1.77 -0.65
H131 DSA C . -4.07 -0.16 -2.31
H132 DSA C . -2.50 0.62 -2.55
H261 DSA C . 7.26 1.52 1.78
H262 DSA C . 5.74 2.43 1.57
H263 DSA C . 6.42 2.19 3.19
H271 DSA C . 8.82 -1.85 1.90
H272 DSA C . 7.18 -1.78 2.60
H273 DSA C . 7.52 -2.84 1.20
H3 DSA C . -5.80 -0.95 -0.92
H281 DSA C . 6.04 -1.30 -3.48
H282 DSA C . 7.37 -2.48 -3.46
H283 DSA C . 5.74 -3.00 -3.03
H151 DSA C . -9.91 -1.94 -1.60
H152 DSA C . -10.39 -1.12 -0.10
H153 DSA C . -10.29 -0.20 -1.64
H17 DSA C . 2.66 1.00 2.23
H1 DSA C . -6.89 2.43 1.31
H6 DSA C . -5.29 3.72 2.28
#